data_1KCV
#
_entry.id   1KCV
#
_cell.length_a   52.646
_cell.length_b   72.939
_cell.length_c   58.550
_cell.angle_alpha   90.00
_cell.angle_beta   100.51
_cell.angle_gamma   90.00
#
_symmetry.space_group_name_H-M   'P 1 21 1'
#
loop_
_entity.id
_entity.type
_entity.pdbx_description
1 polymer 'PC282 IMMUNOGLOBULIN'
2 polymer 'PC282 IMMUNOGLOBULIN'
3 water water
#
loop_
_entity_poly.entity_id
_entity_poly.type
_entity_poly.pdbx_seq_one_letter_code
_entity_poly.pdbx_strand_id
1 'polypeptide(L)'
;DIVMTQSPKSMGMSVGEAVTLNCKASENVGTYVSWYQQKPGQSPVLLIYGASNRYTGVPDRFTGSGSATDFTLTISSVQA
DDDADYYCGQSYSSPLTFGGGTKLELKRADAAPTSSIFPPSSEQLSSGGASVVCFLNSFYPKSIAVKWKVDGSKRANGTA
NSWTDQDSASSTYSMSSTLTLTKDKYERHNSYTCEATHKTSSSPVVKSFNRNEC
;
L
2 'polypeptide(L)'
;QVTLSQSGPGLVKPSQSLSLTCTVTSYSITSDYAWNWIRQFAGQSLEWMGYISYSGSTSYNPSLKSRISITRDTSKNQFF
LQLNSVTTDDTATYYCARGGTGFPYWGTGTNVTVSAASTTAPSVFPLVPGSATAAASAVTLGCLVKGYFPEPVTVAWNEG
ALSSGVLTVSAVLQSGLYTLSSNTTVASGTWPSASVTCLVAHPKSSTAADKKIEPKD
;
H
#
# COMPACT_ATOMS: atom_id res chain seq x y z
N ASP A 1 -12.19 22.97 -16.45
CA ASP A 1 -11.53 21.65 -16.21
C ASP A 1 -12.33 20.53 -16.83
N ILE A 2 -11.64 19.64 -17.55
CA ILE A 2 -12.30 18.51 -18.16
C ILE A 2 -12.35 17.40 -17.11
N VAL A 3 -13.53 16.81 -16.94
CA VAL A 3 -13.72 15.75 -15.97
C VAL A 3 -13.68 14.42 -16.69
N MET A 4 -12.87 13.50 -16.17
CA MET A 4 -12.74 12.16 -16.73
C MET A 4 -13.48 11.21 -15.80
N THR A 5 -14.43 10.46 -16.34
CA THR A 5 -15.21 9.53 -15.53
C THR A 5 -14.95 8.09 -15.92
N GLN A 6 -14.46 7.29 -14.99
CA GLN A 6 -14.19 5.90 -15.29
C GLN A 6 -15.38 5.07 -14.86
N SER A 7 -15.96 4.36 -15.83
CA SER A 7 -17.16 3.56 -15.61
C SER A 7 -17.11 2.52 -14.50
N PRO A 8 -16.68 1.29 -14.78
CA PRO A 8 -16.68 0.29 -13.70
C PRO A 8 -15.87 0.88 -12.57
N LYS A 9 -16.38 1.08 -11.38
CA LYS A 9 -15.55 1.58 -10.30
C LYS A 9 -14.72 0.41 -9.78
N SER A 10 -15.32 -0.78 -9.81
CA SER A 10 -14.67 -1.97 -9.33
C SER A 10 -15.09 -3.12 -10.23
N MET A 11 -14.24 -4.13 -10.37
CA MET A 11 -14.56 -5.25 -11.25
C MET A 11 -13.79 -6.51 -10.90
N GLY A 12 -14.46 -7.65 -11.02
CA GLY A 12 -13.81 -8.92 -10.72
C GLY A 12 -13.92 -9.84 -11.93
N MET A 13 -12.80 -10.39 -12.37
CA MET A 13 -12.79 -11.28 -13.53
C MET A 13 -11.83 -12.43 -13.30
N SER A 14 -11.98 -13.50 -14.08
CA SER A 14 -11.13 -14.68 -13.96
C SER A 14 -9.95 -14.65 -14.92
N VAL A 15 -8.87 -15.34 -14.55
CA VAL A 15 -7.70 -15.42 -15.39
C VAL A 15 -8.05 -15.95 -16.77
N GLY A 16 -7.60 -15.25 -17.81
CA GLY A 16 -7.87 -15.69 -19.17
C GLY A 16 -9.05 -15.02 -19.84
N GLU A 17 -9.84 -14.29 -19.06
CA GLU A 17 -11.00 -13.58 -19.61
C GLU A 17 -10.57 -12.24 -20.18
N ALA A 18 -11.38 -11.70 -21.08
CA ALA A 18 -11.11 -10.41 -21.69
C ALA A 18 -11.85 -9.37 -20.88
N VAL A 19 -11.20 -8.26 -20.58
CA VAL A 19 -11.85 -7.22 -19.80
C VAL A 19 -11.74 -5.89 -20.51
N THR A 20 -12.79 -5.08 -20.38
CA THR A 20 -12.81 -3.77 -21.00
C THR A 20 -13.11 -2.73 -19.93
N LEU A 21 -12.26 -1.70 -19.87
CA LEU A 21 -12.42 -0.62 -18.91
C LEU A 21 -12.82 0.62 -19.69
N ASN A 22 -13.77 1.41 -19.17
CA ASN A 22 -14.23 2.59 -19.86
C ASN A 22 -13.84 3.91 -19.20
N CYS A 23 -13.62 4.93 -20.03
CA CYS A 23 -13.23 6.25 -19.57
C CYS A 23 -13.91 7.29 -20.46
N LYS A 24 -14.73 8.16 -19.87
CA LYS A 24 -15.43 9.19 -20.64
C LYS A 24 -14.98 10.58 -20.23
N ALA A 25 -14.89 11.48 -21.21
CA ALA A 25 -14.49 12.86 -20.98
C ALA A 25 -15.76 13.72 -21.07
N SER A 26 -15.83 14.75 -20.25
CA SER A 26 -16.99 15.64 -20.23
C SER A 26 -17.05 16.46 -21.52
N GLU A 27 -15.90 16.66 -22.16
CA GLU A 27 -15.85 17.38 -23.43
C GLU A 27 -14.69 16.82 -24.24
N ASN A 28 -14.68 17.15 -25.53
CA ASN A 28 -13.66 16.66 -26.45
C ASN A 28 -12.21 16.72 -25.96
N VAL A 29 -11.51 15.59 -26.05
CA VAL A 29 -10.10 15.52 -25.68
C VAL A 29 -9.29 14.93 -26.83
N GLY A 30 -9.91 14.87 -28.02
CA GLY A 30 -9.25 14.34 -29.20
C GLY A 30 -8.79 12.93 -28.92
N THR A 31 -7.50 12.65 -29.14
CA THR A 31 -6.96 11.34 -28.87
C THR A 31 -5.90 11.44 -27.78
N TYR A 32 -5.89 12.56 -27.06
CA TYR A 32 -4.90 12.75 -26.00
C TYR A 32 -5.24 12.12 -24.67
N VAL A 33 -5.44 10.81 -24.69
CA VAL A 33 -5.77 10.06 -23.49
C VAL A 33 -4.70 9.03 -23.23
N SER A 34 -4.28 8.91 -21.98
CA SER A 34 -3.27 7.94 -21.58
C SER A 34 -3.86 7.04 -20.49
N TRP A 35 -3.36 5.81 -20.38
CA TRP A 35 -3.85 4.89 -19.35
C TRP A 35 -2.69 4.48 -18.46
N TYR A 36 -2.93 4.42 -17.16
CA TYR A 36 -1.90 4.03 -16.20
C TYR A 36 -2.35 2.87 -15.33
N GLN A 37 -1.38 2.05 -14.94
CA GLN A 37 -1.64 0.91 -14.08
C GLN A 37 -0.87 1.17 -12.79
N GLN A 38 -1.52 0.98 -11.65
CA GLN A 38 -0.85 1.17 -10.38
C GLN A 38 -1.08 -0.05 -9.51
N LYS A 39 -0.03 -0.85 -9.35
CA LYS A 39 -0.11 -2.05 -8.53
C LYS A 39 0.07 -1.63 -7.08
N PRO A 40 -0.31 -2.52 -6.14
CA PRO A 40 -0.17 -2.20 -4.72
C PRO A 40 1.25 -1.81 -4.36
N GLY A 41 1.38 -0.73 -3.58
CA GLY A 41 2.69 -0.27 -3.14
C GLY A 41 3.65 0.16 -4.23
N GLN A 42 3.12 0.70 -5.34
CA GLN A 42 3.98 1.14 -6.43
C GLN A 42 3.46 2.43 -7.06
N SER A 43 4.30 3.08 -7.85
CA SER A 43 3.90 4.30 -8.50
C SER A 43 3.20 3.91 -9.80
N PRO A 44 2.46 4.84 -10.41
CA PRO A 44 1.76 4.57 -11.66
C PRO A 44 2.74 4.22 -12.78
N VAL A 45 2.29 3.38 -13.71
CA VAL A 45 3.10 2.98 -14.86
C VAL A 45 2.29 3.27 -16.12
N LEU A 46 2.91 3.90 -17.11
CA LEU A 46 2.23 4.23 -18.36
C LEU A 46 2.03 2.99 -19.23
N LEU A 47 0.80 2.76 -19.67
CA LEU A 47 0.50 1.61 -20.51
C LEU A 47 0.23 2.03 -21.95
N ILE A 48 -0.67 2.98 -22.11
CA ILE A 48 -1.09 3.48 -23.41
C ILE A 48 -1.09 5.00 -23.44
N TYR A 49 -0.67 5.58 -24.57
CA TYR A 49 -0.70 7.04 -24.73
C TYR A 49 -1.26 7.33 -26.12
N GLY A 50 -1.81 8.53 -26.31
CA GLY A 50 -2.37 8.84 -27.62
C GLY A 50 -3.57 7.97 -27.95
N ALA A 51 -4.26 7.52 -26.90
CA ALA A 51 -5.45 6.68 -26.99
C ALA A 51 -5.24 5.24 -27.41
N SER A 52 -4.34 5.00 -28.37
CA SER A 52 -4.11 3.64 -28.85
C SER A 52 -2.67 3.19 -29.01
N ASN A 53 -1.71 4.01 -28.61
CA ASN A 53 -0.31 3.63 -28.73
C ASN A 53 0.19 2.91 -27.48
N ARG A 54 0.72 1.71 -27.67
CA ARG A 54 1.23 0.93 -26.56
C ARG A 54 2.64 1.44 -26.24
N TYR A 55 2.90 1.73 -24.96
CA TYR A 55 4.22 2.23 -24.57
C TYR A 55 5.23 1.09 -24.64
N THR A 56 6.51 1.45 -24.78
CA THR A 56 7.59 0.47 -24.87
C THR A 56 7.59 -0.49 -23.67
N GLY A 57 7.74 -1.78 -23.94
CA GLY A 57 7.77 -2.75 -22.86
C GLY A 57 6.43 -3.27 -22.36
N VAL A 58 5.34 -2.62 -22.75
CA VAL A 58 4.01 -3.06 -22.30
C VAL A 58 3.58 -4.32 -23.07
N PRO A 59 3.04 -5.32 -22.35
CA PRO A 59 2.61 -6.55 -23.03
C PRO A 59 1.48 -6.33 -24.04
N ASP A 60 1.51 -7.13 -25.10
CA ASP A 60 0.54 -7.04 -26.17
C ASP A 60 -0.92 -7.24 -25.76
N ARG A 61 -1.17 -7.83 -24.60
CA ARG A 61 -2.55 -8.06 -24.17
C ARG A 61 -3.28 -6.74 -23.89
N PHE A 62 -2.53 -5.66 -23.68
CA PHE A 62 -3.14 -4.36 -23.43
C PHE A 62 -3.29 -3.57 -24.71
N THR A 63 -4.50 -3.09 -24.99
CA THR A 63 -4.72 -2.26 -26.18
C THR A 63 -5.72 -1.16 -25.83
N GLY A 64 -5.66 -0.06 -26.56
CA GLY A 64 -6.57 1.03 -26.29
C GLY A 64 -7.26 1.52 -27.56
N SER A 65 -8.43 2.12 -27.41
CA SER A 65 -9.18 2.64 -28.53
C SER A 65 -10.05 3.81 -28.07
N GLY A 66 -10.55 4.58 -29.03
CA GLY A 66 -11.40 5.70 -28.69
C GLY A 66 -10.94 7.06 -29.19
N SER A 67 -11.88 8.00 -29.19
CA SER A 67 -11.61 9.35 -29.64
C SER A 67 -12.75 10.23 -29.12
N ALA A 68 -12.47 11.53 -29.03
CA ALA A 68 -13.45 12.51 -28.57
C ALA A 68 -13.78 12.41 -27.08
N THR A 69 -14.84 11.69 -26.74
CA THR A 69 -15.24 11.58 -25.34
C THR A 69 -15.48 10.15 -24.84
N ASP A 70 -15.20 9.15 -25.67
CA ASP A 70 -15.41 7.76 -25.25
C ASP A 70 -14.16 6.92 -25.53
N PHE A 71 -13.51 6.45 -24.46
CA PHE A 71 -12.28 5.67 -24.57
C PHE A 71 -12.34 4.35 -23.81
N THR A 72 -11.64 3.34 -24.31
CA THR A 72 -11.63 2.04 -23.65
C THR A 72 -10.26 1.41 -23.62
N LEU A 73 -9.97 0.70 -22.53
CA LEU A 73 -8.71 -0.03 -22.38
C LEU A 73 -9.16 -1.48 -22.34
N THR A 74 -8.56 -2.30 -23.19
CA THR A 74 -8.90 -3.71 -23.25
C THR A 74 -7.74 -4.61 -22.86
N ILE A 75 -8.00 -5.61 -22.03
CA ILE A 75 -7.03 -6.60 -21.63
C ILE A 75 -7.53 -7.87 -22.28
N SER A 76 -6.86 -8.33 -23.33
CA SER A 76 -7.27 -9.52 -24.08
C SER A 76 -7.46 -10.76 -23.24
N SER A 77 -6.50 -11.02 -22.37
CA SER A 77 -6.53 -12.18 -21.49
C SER A 77 -5.89 -11.73 -20.19
N VAL A 78 -6.71 -11.46 -19.18
CA VAL A 78 -6.17 -11.00 -17.91
C VAL A 78 -5.29 -12.03 -17.24
N GLN A 79 -4.24 -11.55 -16.56
CA GLN A 79 -3.31 -12.41 -15.85
C GLN A 79 -3.41 -12.08 -14.36
N ALA A 80 -2.99 -13.00 -13.51
CA ALA A 80 -3.06 -12.78 -12.07
C ALA A 80 -2.29 -11.52 -11.68
N ASP A 81 -1.20 -11.25 -12.37
CA ASP A 81 -0.39 -10.07 -12.05
C ASP A 81 -0.99 -8.77 -12.55
N ASP A 82 -2.17 -8.84 -13.17
CA ASP A 82 -2.81 -7.63 -13.67
C ASP A 82 -3.65 -6.95 -12.60
N ASP A 83 -3.65 -7.53 -11.40
CA ASP A 83 -4.41 -6.96 -10.28
C ASP A 83 -3.84 -5.56 -10.05
N ALA A 84 -4.70 -4.54 -10.11
CA ALA A 84 -4.24 -3.17 -9.96
C ALA A 84 -5.37 -2.17 -10.15
N ASP A 85 -5.02 -0.91 -9.88
CA ASP A 85 -5.91 0.18 -10.09
C ASP A 85 -5.54 0.77 -11.45
N TYR A 86 -6.52 1.10 -12.27
CA TYR A 86 -6.23 1.62 -13.60
C TYR A 86 -6.82 3.00 -13.75
N TYR A 87 -6.03 3.94 -14.26
CA TYR A 87 -6.49 5.31 -14.41
C TYR A 87 -6.30 5.80 -15.84
N CYS A 88 -7.20 6.69 -16.28
CA CYS A 88 -7.04 7.31 -17.58
C CYS A 88 -6.80 8.78 -17.26
N GLY A 89 -6.12 9.48 -18.15
CA GLY A 89 -5.86 10.90 -17.94
C GLY A 89 -5.87 11.57 -19.30
N GLN A 90 -6.19 12.86 -19.33
CA GLN A 90 -6.24 13.60 -20.59
C GLN A 90 -5.23 14.73 -20.55
N SER A 91 -4.66 15.07 -21.70
CA SER A 91 -3.69 16.16 -21.77
C SER A 91 -4.00 17.06 -22.96
N TYR A 92 -5.27 17.07 -23.36
CA TYR A 92 -5.73 17.88 -24.49
C TYR A 92 -5.89 19.33 -24.07
N SER A 93 -6.41 19.52 -22.86
CA SER A 93 -6.67 20.86 -22.33
C SER A 93 -5.94 21.09 -21.02
N SER A 94 -5.73 22.34 -20.67
CA SER A 94 -5.06 22.67 -19.42
C SER A 94 -6.13 23.08 -18.40
N PRO A 95 -6.02 22.59 -17.16
CA PRO A 95 -4.99 21.68 -16.65
C PRO A 95 -5.23 20.21 -16.98
N LEU A 96 -4.16 19.42 -16.90
CA LEU A 96 -4.23 18.00 -17.12
C LEU A 96 -5.06 17.40 -15.98
N THR A 97 -5.89 16.42 -16.29
CA THR A 97 -6.72 15.82 -15.26
C THR A 97 -6.77 14.30 -15.44
N PHE A 98 -7.11 13.60 -14.37
CA PHE A 98 -7.19 12.14 -14.39
C PHE A 98 -8.55 11.67 -13.92
N GLY A 99 -8.90 10.45 -14.29
CA GLY A 99 -10.16 9.88 -13.83
C GLY A 99 -9.91 9.33 -12.43
N GLY A 100 -10.96 8.92 -11.73
CA GLY A 100 -10.83 8.40 -10.37
C GLY A 100 -10.38 6.95 -10.23
N GLY A 101 -10.21 6.26 -11.36
CA GLY A 101 -9.74 4.88 -11.30
C GLY A 101 -10.76 3.76 -11.25
N THR A 102 -10.32 2.60 -11.73
CA THR A 102 -11.13 1.38 -11.75
C THR A 102 -10.23 0.32 -11.13
N LYS A 103 -10.73 -0.36 -10.11
CA LYS A 103 -9.95 -1.40 -9.43
C LYS A 103 -10.29 -2.75 -10.03
N LEU A 104 -9.27 -3.47 -10.47
CA LEU A 104 -9.48 -4.78 -11.06
C LEU A 104 -9.05 -5.86 -10.09
N GLU A 105 -10.00 -6.70 -9.67
CA GLU A 105 -9.69 -7.79 -8.75
C GLU A 105 -9.87 -9.10 -9.48
N LEU A 106 -9.17 -10.13 -9.00
CA LEU A 106 -9.22 -11.46 -9.63
C LEU A 106 -10.19 -12.41 -8.95
N LYS A 107 -10.85 -13.21 -9.76
CA LYS A 107 -11.79 -14.21 -9.27
C LYS A 107 -11.07 -15.55 -9.34
N ARG A 108 -11.34 -16.44 -8.40
CA ARG A 108 -10.70 -17.74 -8.40
C ARG A 108 -11.48 -18.74 -7.56
N ALA A 109 -11.01 -19.97 -7.52
CA ALA A 109 -11.68 -21.02 -6.76
C ALA A 109 -11.64 -20.74 -5.26
N ASP A 110 -12.71 -21.11 -4.56
CA ASP A 110 -12.79 -20.91 -3.13
C ASP A 110 -11.66 -21.67 -2.44
N ALA A 111 -11.08 -21.07 -1.40
CA ALA A 111 -10.00 -21.70 -0.66
C ALA A 111 -10.17 -21.43 0.83
N ALA A 112 -10.11 -22.50 1.63
CA ALA A 112 -10.26 -22.38 3.07
C ALA A 112 -8.97 -21.81 3.64
N PRO A 113 -9.08 -20.98 4.69
CA PRO A 113 -7.89 -20.38 5.30
C PRO A 113 -7.14 -21.33 6.23
N THR A 114 -5.88 -20.99 6.47
CA THR A 114 -5.04 -21.71 7.39
C THR A 114 -4.98 -20.76 8.57
N SER A 115 -5.17 -21.25 9.79
CA SER A 115 -5.17 -20.37 10.95
C SER A 115 -3.98 -20.55 11.89
N SER A 116 -3.45 -19.43 12.37
CA SER A 116 -2.32 -19.42 13.29
C SER A 116 -2.64 -18.44 14.42
N ILE A 117 -2.27 -18.78 15.65
CA ILE A 117 -2.52 -17.88 16.76
C ILE A 117 -1.18 -17.61 17.46
N PHE A 118 -0.97 -16.37 17.89
CA PHE A 118 0.28 -16.00 18.54
C PHE A 118 0.09 -15.35 19.89
N PRO A 119 0.67 -15.94 20.95
CA PRO A 119 0.55 -15.36 22.29
C PRO A 119 1.39 -14.08 22.33
N PRO A 120 1.15 -13.22 23.33
CA PRO A 120 1.94 -11.99 23.38
C PRO A 120 3.41 -12.28 23.70
N SER A 121 4.29 -11.38 23.29
CA SER A 121 5.72 -11.56 23.54
C SER A 121 6.01 -11.10 24.96
N SER A 122 7.07 -11.63 25.54
CA SER A 122 7.44 -11.22 26.90
C SER A 122 7.80 -9.73 26.88
N GLU A 123 8.35 -9.26 25.75
CA GLU A 123 8.73 -7.86 25.63
C GLU A 123 7.56 -6.93 25.83
N GLN A 124 6.41 -7.26 25.23
CA GLN A 124 5.23 -6.41 25.37
C GLN A 124 4.71 -6.44 26.80
N LEU A 125 4.59 -7.64 27.38
CA LEU A 125 4.08 -7.76 28.74
C LEU A 125 4.83 -6.85 29.71
N SER A 126 6.10 -6.61 29.43
CA SER A 126 6.91 -5.74 30.29
C SER A 126 6.38 -4.31 30.29
N SER A 127 5.75 -3.92 29.18
CA SER A 127 5.20 -2.57 29.06
C SER A 127 3.79 -2.48 29.61
N GLY A 128 3.25 -3.61 30.09
CA GLY A 128 1.92 -3.61 30.66
C GLY A 128 0.79 -3.95 29.70
N GLY A 129 1.13 -4.33 28.48
CA GLY A 129 0.10 -4.67 27.51
C GLY A 129 0.26 -6.09 26.97
N ALA A 130 -0.80 -6.60 26.36
CA ALA A 130 -0.77 -7.94 25.80
C ALA A 130 -1.65 -8.03 24.56
N SER A 131 -1.02 -8.25 23.42
CA SER A 131 -1.75 -8.37 22.17
C SER A 131 -1.72 -9.83 21.73
N VAL A 132 -2.90 -10.39 21.46
CA VAL A 132 -2.99 -11.77 21.00
C VAL A 132 -3.39 -11.64 19.54
N VAL A 133 -2.67 -12.33 18.66
CA VAL A 133 -2.95 -12.23 17.25
C VAL A 133 -3.39 -13.52 16.60
N CYS A 134 -4.43 -13.42 15.78
CA CYS A 134 -4.94 -14.56 15.04
C CYS A 134 -4.70 -14.23 13.57
N PHE A 135 -4.01 -15.11 12.86
CA PHE A 135 -3.73 -14.87 11.45
C PHE A 135 -4.41 -15.91 10.54
N LEU A 136 -5.21 -15.45 9.59
CA LEU A 136 -5.91 -16.31 8.63
C LEU A 136 -5.19 -16.14 7.30
N ASN A 137 -4.64 -17.23 6.78
CA ASN A 137 -3.84 -17.16 5.58
C ASN A 137 -4.36 -17.87 4.32
N SER A 138 -4.05 -17.26 3.17
CA SER A 138 -4.36 -17.79 1.85
C SER A 138 -5.78 -18.31 1.62
N PHE A 139 -6.77 -17.43 1.72
CA PHE A 139 -8.15 -17.86 1.52
C PHE A 139 -8.89 -17.05 0.47
N TYR A 140 -10.06 -17.54 0.07
CA TYR A 140 -10.91 -16.86 -0.90
C TYR A 140 -12.31 -17.47 -0.82
N PRO A 141 -13.36 -16.62 -0.90
CA PRO A 141 -13.32 -15.16 -1.06
C PRO A 141 -12.82 -14.36 0.15
N LYS A 142 -12.69 -13.06 -0.03
CA LYS A 142 -12.21 -12.15 1.00
C LYS A 142 -13.03 -12.13 2.30
N SER A 143 -14.36 -12.25 2.17
CA SER A 143 -15.26 -12.22 3.31
C SER A 143 -15.04 -13.30 4.37
N ILE A 144 -14.76 -12.88 5.60
CA ILE A 144 -14.53 -13.83 6.69
C ILE A 144 -14.86 -13.13 8.00
N ALA A 145 -15.34 -13.90 8.98
CA ALA A 145 -15.70 -13.36 10.28
C ALA A 145 -14.90 -14.04 11.39
N VAL A 146 -14.32 -13.23 12.28
CA VAL A 146 -13.52 -13.75 13.39
C VAL A 146 -14.12 -13.41 14.75
N LYS A 147 -14.22 -14.41 15.61
CA LYS A 147 -14.76 -14.22 16.95
C LYS A 147 -13.70 -14.62 17.98
N TRP A 148 -13.60 -13.85 19.06
CA TRP A 148 -12.63 -14.13 20.13
C TRP A 148 -13.32 -14.59 21.41
N LYS A 149 -12.74 -15.61 22.04
CA LYS A 149 -13.25 -16.12 23.30
C LYS A 149 -12.11 -16.19 24.33
N VAL A 150 -12.40 -15.75 25.55
CA VAL A 150 -11.42 -15.78 26.63
C VAL A 150 -12.04 -16.65 27.72
N ASP A 151 -11.40 -17.78 28.01
CA ASP A 151 -11.92 -18.72 29.01
C ASP A 151 -13.38 -19.03 28.68
N GLY A 152 -13.64 -19.23 27.39
CA GLY A 152 -14.98 -19.57 26.94
C GLY A 152 -15.99 -18.44 26.76
N SER A 153 -15.62 -17.21 27.11
CA SER A 153 -16.53 -16.07 26.98
C SER A 153 -16.18 -15.15 25.81
N LYS A 154 -17.19 -14.80 25.01
CA LYS A 154 -16.99 -13.92 23.86
C LYS A 154 -16.50 -12.54 24.27
N ARG A 155 -15.54 -12.01 23.51
CA ARG A 155 -14.98 -10.70 23.78
C ARG A 155 -14.99 -9.89 22.48
N ALA A 156 -15.72 -8.78 22.47
CA ALA A 156 -15.81 -7.95 21.27
C ALA A 156 -15.05 -6.63 21.36
N ASN A 157 -14.69 -6.21 22.57
CA ASN A 157 -13.96 -4.95 22.74
C ASN A 157 -12.45 -5.13 22.68
N GLY A 158 -11.78 -4.20 21.99
CA GLY A 158 -10.33 -4.28 21.87
C GLY A 158 -9.83 -5.13 20.73
N THR A 159 -10.69 -5.39 19.75
CA THR A 159 -10.34 -6.20 18.58
C THR A 159 -10.11 -5.33 17.34
N ALA A 160 -9.05 -5.62 16.62
CA ALA A 160 -8.73 -4.86 15.39
C ALA A 160 -8.46 -5.84 14.25
N ASN A 161 -9.22 -5.71 13.17
CA ASN A 161 -9.05 -6.59 12.02
C ASN A 161 -8.50 -5.82 10.82
N SER A 162 -7.66 -6.49 10.03
CA SER A 162 -7.10 -5.85 8.83
C SER A 162 -6.76 -6.92 7.80
N TRP A 163 -6.94 -6.58 6.52
CA TRP A 163 -6.69 -7.49 5.40
C TRP A 163 -5.48 -7.07 4.57
N THR A 164 -4.94 -8.02 3.83
CA THR A 164 -3.82 -7.76 2.93
C THR A 164 -4.48 -7.57 1.58
N ASP A 165 -3.73 -7.04 0.61
CA ASP A 165 -4.29 -6.90 -0.72
C ASP A 165 -4.28 -8.33 -1.26
N GLN A 166 -4.96 -8.55 -2.38
CA GLN A 166 -5.00 -9.87 -2.98
C GLN A 166 -3.60 -10.22 -3.50
N ASP A 167 -3.18 -11.47 -3.32
CA ASP A 167 -1.86 -11.92 -3.78
C ASP A 167 -1.77 -11.90 -5.31
N SER A 168 -0.65 -11.40 -5.83
CA SER A 168 -0.46 -11.30 -7.28
C SER A 168 -0.17 -12.61 -8.01
N ALA A 169 0.00 -13.70 -7.26
CA ALA A 169 0.28 -14.99 -7.89
C ALA A 169 -0.87 -15.98 -7.71
N SER A 170 -1.35 -16.13 -6.48
CA SER A 170 -2.43 -17.06 -6.19
C SER A 170 -3.81 -16.40 -6.03
N SER A 171 -3.84 -15.06 -6.02
CA SER A 171 -5.10 -14.33 -5.89
C SER A 171 -5.84 -14.56 -4.56
N THR A 172 -5.14 -15.05 -3.55
CA THR A 172 -5.77 -15.28 -2.25
C THR A 172 -5.57 -14.09 -1.32
N TYR A 173 -6.38 -14.04 -0.26
CA TYR A 173 -6.28 -12.98 0.75
C TYR A 173 -5.75 -13.56 2.06
N SER A 174 -5.34 -12.67 2.95
CA SER A 174 -4.86 -13.05 4.27
C SER A 174 -5.35 -11.94 5.18
N MET A 175 -5.54 -12.24 6.46
CA MET A 175 -6.01 -11.20 7.37
C MET A 175 -5.60 -11.52 8.81
N SER A 176 -5.42 -10.48 9.60
CA SER A 176 -5.03 -10.68 10.99
C SER A 176 -6.04 -9.99 11.87
N SER A 177 -6.35 -10.64 13.00
CA SER A 177 -7.28 -10.09 13.97
C SER A 177 -6.43 -9.96 15.25
N THR A 178 -6.39 -8.76 15.82
CA THR A 178 -5.61 -8.51 17.02
C THR A 178 -6.45 -8.11 18.23
N LEU A 179 -6.34 -8.90 19.30
CA LEU A 179 -7.05 -8.64 20.55
C LEU A 179 -6.04 -8.03 21.51
N THR A 180 -6.30 -6.81 21.98
CA THR A 180 -5.38 -6.17 22.91
C THR A 180 -5.96 -6.03 24.31
N LEU A 181 -5.18 -6.46 25.30
CA LEU A 181 -5.58 -6.41 26.70
C LEU A 181 -4.42 -5.86 27.52
N THR A 182 -4.65 -5.64 28.81
CA THR A 182 -3.60 -5.18 29.69
C THR A 182 -2.96 -6.47 30.18
N LYS A 183 -1.77 -6.38 30.76
CA LYS A 183 -1.09 -7.56 31.26
C LYS A 183 -1.90 -8.27 32.35
N ASP A 184 -2.47 -7.50 33.26
CA ASP A 184 -3.27 -8.07 34.36
C ASP A 184 -4.45 -8.88 33.85
N LYS A 185 -5.12 -8.33 32.86
CA LYS A 185 -6.28 -8.98 32.26
C LYS A 185 -5.86 -10.28 31.58
N TYR A 186 -4.75 -10.23 30.83
CA TYR A 186 -4.25 -11.41 30.13
C TYR A 186 -3.87 -12.51 31.13
N GLU A 187 -3.28 -12.11 32.25
CA GLU A 187 -2.85 -13.09 33.24
C GLU A 187 -3.91 -13.69 34.14
N ARG A 188 -5.13 -13.17 34.09
CA ARG A 188 -6.20 -13.70 34.92
C ARG A 188 -7.00 -14.80 34.21
N HIS A 189 -6.67 -15.05 32.94
CA HIS A 189 -7.37 -16.07 32.17
C HIS A 189 -6.37 -17.06 31.57
N ASN A 190 -6.85 -18.24 31.17
CA ASN A 190 -5.97 -19.25 30.61
C ASN A 190 -6.14 -19.54 29.14
N SER A 191 -7.39 -19.69 28.70
CA SER A 191 -7.63 -20.04 27.30
C SER A 191 -8.04 -18.89 26.39
N TYR A 192 -7.28 -18.75 25.30
CA TYR A 192 -7.54 -17.72 24.29
C TYR A 192 -7.89 -18.42 22.99
N THR A 193 -9.10 -18.17 22.50
CA THR A 193 -9.58 -18.83 21.29
C THR A 193 -10.00 -17.89 20.16
N CYS A 194 -9.57 -18.26 18.95
CA CYS A 194 -9.90 -17.53 17.73
C CYS A 194 -10.81 -18.42 16.88
N GLU A 195 -12.03 -17.96 16.62
CA GLU A 195 -12.98 -18.71 15.80
C GLU A 195 -13.27 -17.98 14.49
N ALA A 196 -13.02 -18.64 13.38
CA ALA A 196 -13.24 -18.04 12.07
C ALA A 196 -14.31 -18.76 11.28
N THR A 197 -15.25 -18.00 10.75
CA THR A 197 -16.32 -18.55 9.95
C THR A 197 -16.13 -18.07 8.51
N HIS A 198 -15.97 -19.02 7.59
CA HIS A 198 -15.75 -18.73 6.17
C HIS A 198 -16.73 -19.60 5.38
N LYS A 199 -17.12 -19.14 4.20
CA LYS A 199 -18.09 -19.90 3.40
C LYS A 199 -17.63 -21.31 3.03
N THR A 200 -16.32 -21.55 3.01
CA THR A 200 -15.81 -22.86 2.65
C THR A 200 -16.14 -23.97 3.64
N SER A 201 -16.44 -23.62 4.89
CA SER A 201 -16.78 -24.63 5.89
C SER A 201 -18.03 -24.27 6.67
N SER A 202 -18.89 -25.26 6.89
CA SER A 202 -20.13 -25.05 7.62
C SER A 202 -19.83 -24.74 9.07
N SER A 203 -18.83 -25.42 9.64
CA SER A 203 -18.44 -25.21 11.02
C SER A 203 -17.22 -24.28 11.07
N PRO A 204 -17.17 -23.39 12.07
CA PRO A 204 -16.05 -22.46 12.18
C PRO A 204 -14.70 -23.14 12.39
N VAL A 205 -13.64 -22.50 11.94
CA VAL A 205 -12.29 -23.03 12.12
C VAL A 205 -11.81 -22.44 13.44
N VAL A 206 -11.47 -23.29 14.40
CA VAL A 206 -11.02 -22.81 15.70
C VAL A 206 -9.54 -23.07 15.97
N LYS A 207 -8.90 -22.08 16.61
CA LYS A 207 -7.49 -22.17 16.97
C LYS A 207 -7.40 -21.56 18.35
N SER A 208 -6.74 -22.27 19.26
CA SER A 208 -6.64 -21.80 20.63
C SER A 208 -5.31 -22.16 21.27
N PHE A 209 -5.00 -21.49 22.38
CA PHE A 209 -3.78 -21.79 23.11
C PHE A 209 -4.08 -21.57 24.59
N ASN A 210 -3.38 -22.31 25.43
CA ASN A 210 -3.56 -22.23 26.86
C ASN A 210 -2.31 -21.60 27.48
N ARG A 211 -2.50 -20.48 28.16
CA ARG A 211 -1.40 -19.74 28.78
C ARG A 211 -0.53 -20.59 29.73
N ASN A 212 -1.14 -21.60 30.35
CA ASN A 212 -0.40 -22.47 31.26
C ASN A 212 0.50 -23.46 30.53
N GLU A 213 1.00 -23.06 29.36
CA GLU A 213 1.88 -23.91 28.57
C GLU A 213 2.45 -23.17 27.37
N CYS A 214 2.01 -21.93 27.17
CA CYS A 214 2.48 -21.11 26.06
C CYS A 214 2.70 -19.66 26.49
N GLN B 1 17.95 4.02 -17.97
CA GLN B 1 17.15 5.21 -18.31
C GLN B 1 17.06 6.19 -17.14
N VAL B 2 16.22 7.21 -17.29
CA VAL B 2 16.07 8.22 -16.25
C VAL B 2 15.47 7.67 -14.96
N THR B 3 15.93 8.22 -13.85
CA THR B 3 15.46 7.82 -12.53
C THR B 3 15.14 9.08 -11.75
N LEU B 4 14.00 9.09 -11.08
CA LEU B 4 13.60 10.24 -10.28
C LEU B 4 13.38 9.78 -8.85
N SER B 5 13.74 10.63 -7.89
CA SER B 5 13.58 10.30 -6.49
C SER B 5 13.15 11.51 -5.68
N GLN B 6 12.00 11.40 -5.04
CA GLN B 6 11.47 12.48 -4.22
C GLN B 6 12.06 12.41 -2.81
N SER B 7 12.18 13.56 -2.16
CA SER B 7 12.68 13.62 -0.79
C SER B 7 12.07 14.84 -0.10
N GLY B 8 11.78 14.71 1.18
CA GLY B 8 11.20 15.82 1.91
C GLY B 8 10.70 15.40 3.28
N PRO B 9 10.09 16.33 4.04
CA PRO B 9 9.57 16.02 5.38
C PRO B 9 8.36 15.12 5.26
N GLY B 10 8.23 14.15 6.16
CA GLY B 10 7.09 13.27 6.10
C GLY B 10 5.93 13.85 6.88
N LEU B 11 6.24 14.84 7.71
CA LEU B 11 5.23 15.49 8.57
C LEU B 11 5.47 16.99 8.58
N VAL B 12 4.43 17.77 8.34
CA VAL B 12 4.53 19.24 8.39
C VAL B 12 3.29 19.74 9.13
N LYS B 13 3.45 20.81 9.89
CA LYS B 13 2.33 21.36 10.65
C LYS B 13 1.49 22.29 9.81
N PRO B 14 0.18 22.35 10.08
CA PRO B 14 -0.68 23.22 9.29
C PRO B 14 -0.22 24.67 9.37
N SER B 15 -0.40 25.39 8.25
CA SER B 15 -0.02 26.79 8.11
C SER B 15 1.42 26.96 7.67
N GLN B 16 2.22 25.91 7.82
CA GLN B 16 3.62 25.98 7.42
C GLN B 16 3.76 25.76 5.92
N SER B 17 4.99 25.94 5.42
CA SER B 17 5.25 25.75 4.00
C SER B 17 5.86 24.37 3.78
N LEU B 18 5.51 23.75 2.65
CA LEU B 18 6.03 22.43 2.31
C LEU B 18 7.03 22.53 1.16
N SER B 19 8.23 21.99 1.38
CA SER B 19 9.28 21.99 0.36
C SER B 19 9.70 20.55 0.05
N LEU B 20 9.57 20.15 -1.21
CA LEU B 20 9.98 18.80 -1.62
C LEU B 20 11.07 18.93 -2.67
N THR B 21 11.92 17.91 -2.77
CA THR B 21 13.01 17.90 -3.73
C THR B 21 12.89 16.65 -4.60
N CYS B 22 13.21 16.79 -5.88
CA CYS B 22 13.20 15.64 -6.78
C CYS B 22 14.60 15.58 -7.36
N THR B 23 15.29 14.47 -7.12
CA THR B 23 16.64 14.33 -7.64
C THR B 23 16.57 13.46 -8.88
N VAL B 24 17.10 13.99 -9.99
CA VAL B 24 17.09 13.27 -11.26
C VAL B 24 18.46 12.71 -11.62
N THR B 25 18.51 11.45 -12.03
CA THR B 25 19.78 10.85 -12.43
C THR B 25 19.65 10.23 -13.82
N SER B 26 20.77 10.20 -14.53
CA SER B 26 20.84 9.63 -15.87
C SER B 26 20.12 10.44 -16.94
N TYR B 27 19.89 11.72 -16.66
CA TYR B 27 19.26 12.60 -17.63
C TYR B 27 19.36 14.03 -17.11
N SER B 28 19.80 14.94 -17.97
CA SER B 28 19.95 16.35 -17.58
C SER B 28 18.61 17.03 -17.69
N ILE B 29 18.17 17.71 -16.64
CA ILE B 29 16.87 18.37 -16.69
C ILE B 29 16.84 19.57 -17.62
N THR B 30 18.00 19.92 -18.17
CA THR B 30 18.11 21.05 -19.10
C THR B 30 18.03 20.59 -20.56
N SER B 31 18.08 19.31 -20.80
CA SER B 31 18.07 18.71 -22.14
C SER B 31 16.73 18.78 -22.90
N ASP B 32 15.67 18.33 -22.27
CA ASP B 32 14.38 18.31 -22.94
C ASP B 32 13.31 17.89 -21.91
N TYR B 33 12.05 17.88 -22.33
CA TYR B 33 10.92 17.48 -21.49
C TYR B 33 10.51 18.45 -20.39
N ALA B 34 9.31 18.19 -19.85
CA ALA B 34 8.74 18.98 -18.78
C ALA B 34 8.89 18.14 -17.50
N TRP B 35 9.24 18.79 -16.41
CA TRP B 35 9.44 18.09 -15.14
C TRP B 35 8.31 18.48 -14.20
N ASN B 36 7.47 17.46 -13.90
CA ASN B 36 6.25 17.66 -13.15
C ASN B 36 6.17 17.19 -11.71
N TRP B 37 5.17 17.74 -11.02
CA TRP B 37 4.85 17.35 -9.66
C TRP B 37 3.37 16.96 -9.75
N ILE B 38 3.04 15.79 -9.20
CA ILE B 38 1.68 15.27 -9.20
C ILE B 38 1.46 14.66 -7.83
N ARG B 39 0.28 14.85 -7.24
CA ARG B 39 0.01 14.26 -5.94
C ARG B 39 -1.18 13.33 -5.99
N GLN B 40 -1.21 12.38 -5.06
CA GLN B 40 -2.28 11.42 -4.99
C GLN B 40 -2.84 11.46 -3.58
N PHE B 41 -4.12 11.77 -3.47
CA PHE B 41 -4.76 11.90 -2.17
C PHE B 41 -5.08 10.54 -1.58
N ALA B 42 -5.37 10.50 -0.30
CA ALA B 42 -5.68 9.25 0.38
C ALA B 42 -6.71 8.43 -0.39
N GLY B 43 -7.68 9.12 -0.98
CA GLY B 43 -8.72 8.42 -1.75
C GLY B 43 -8.23 7.88 -3.09
N GLN B 44 -6.96 8.13 -3.39
CA GLN B 44 -6.32 7.67 -4.63
C GLN B 44 -6.55 8.55 -5.85
N SER B 45 -7.33 9.62 -5.71
CA SER B 45 -7.55 10.50 -6.86
C SER B 45 -6.22 11.24 -7.08
N LEU B 46 -5.91 11.52 -8.35
CA LEU B 46 -4.67 12.20 -8.73
C LEU B 46 -4.88 13.66 -9.14
N GLU B 47 -3.88 14.49 -8.89
CA GLU B 47 -3.94 15.90 -9.25
C GLU B 47 -2.59 16.39 -9.76
N TRP B 48 -2.58 16.91 -10.98
CA TRP B 48 -1.37 17.46 -11.58
C TRP B 48 -1.20 18.83 -10.95
N MET B 49 -0.01 19.12 -10.43
CA MET B 49 0.25 20.39 -9.76
C MET B 49 0.94 21.43 -10.66
N GLY B 50 1.87 20.97 -11.48
CA GLY B 50 2.56 21.89 -12.37
C GLY B 50 3.89 21.32 -12.84
N TYR B 51 4.64 22.10 -13.59
CA TYR B 51 5.95 21.64 -14.06
C TYR B 51 6.88 22.80 -14.36
N ILE B 52 8.14 22.46 -14.59
CA ILE B 52 9.13 23.41 -14.99
C ILE B 52 9.75 22.74 -16.22
N SER B 53 9.78 23.43 -17.36
CA SER B 53 10.33 22.82 -18.58
C SER B 53 11.85 22.87 -18.57
N TYR B 54 12.45 22.23 -19.56
CA TYR B 54 13.90 22.19 -19.68
C TYR B 54 14.46 23.59 -19.90
N SER B 55 13.61 24.50 -20.39
CA SER B 55 14.04 25.87 -20.67
C SER B 55 13.86 26.78 -19.46
N GLY B 56 13.20 26.28 -18.43
CA GLY B 56 13.00 27.07 -17.23
C GLY B 56 11.60 27.65 -17.08
N SER B 57 10.75 27.44 -18.07
CA SER B 57 9.39 27.95 -18.01
C SER B 57 8.55 27.08 -17.09
N THR B 58 7.69 27.72 -16.30
CA THR B 58 6.84 27.00 -15.37
C THR B 58 5.39 27.06 -15.78
N SER B 59 4.62 26.07 -15.36
CA SER B 59 3.19 26.01 -15.65
C SER B 59 2.54 25.39 -14.42
N TYR B 60 1.49 26.03 -13.93
CA TYR B 60 0.80 25.56 -12.74
C TYR B 60 -0.68 25.31 -12.92
N ASN B 61 -1.21 24.39 -12.11
CA ASN B 61 -2.60 24.14 -12.11
C ASN B 61 -3.14 25.48 -11.64
N PRO B 62 -4.35 25.82 -12.19
CA PRO B 62 -5.11 27.03 -11.74
C PRO B 62 -5.39 27.15 -10.30
N SER B 63 -5.67 25.99 -9.80
CA SER B 63 -6.20 25.86 -8.46
C SER B 63 -5.14 26.03 -7.38
N LEU B 64 -3.87 26.00 -7.78
CA LEU B 64 -2.74 26.11 -6.83
C LEU B 64 -1.79 27.28 -7.14
N LYS B 65 -1.94 27.85 -8.33
CA LYS B 65 -1.08 28.95 -8.79
C LYS B 65 -0.71 30.01 -7.77
N SER B 66 -1.65 30.40 -6.91
CA SER B 66 -1.37 31.45 -5.94
C SER B 66 -0.48 31.05 -4.76
N ARG B 67 -0.40 29.75 -4.48
CA ARG B 67 0.40 29.27 -3.34
C ARG B 67 1.54 28.33 -3.70
N ILE B 68 1.80 28.12 -4.98
CA ILE B 68 2.85 27.18 -5.36
C ILE B 68 4.02 27.79 -6.12
N SER B 69 5.17 27.15 -5.99
CA SER B 69 6.36 27.60 -6.67
C SER B 69 7.20 26.40 -7.03
N ILE B 70 7.65 26.32 -8.28
CA ILE B 70 8.51 25.24 -8.73
C ILE B 70 9.80 25.88 -9.23
N THR B 71 10.92 25.42 -8.71
CA THR B 71 12.22 25.95 -9.11
C THR B 71 13.16 24.80 -9.39
N ARG B 72 14.38 25.12 -9.85
CA ARG B 72 15.36 24.08 -10.14
C ARG B 72 16.78 24.54 -9.86
N ASP B 73 17.67 23.57 -9.79
CA ASP B 73 19.08 23.76 -9.59
C ASP B 73 19.75 22.94 -10.64
N THR B 74 20.14 23.56 -11.74
CA THR B 74 20.76 22.84 -12.84
C THR B 74 22.14 22.23 -12.54
N SER B 75 22.82 22.74 -11.51
CA SER B 75 24.13 22.20 -11.18
C SER B 75 24.02 20.88 -10.41
N LYS B 76 22.95 20.71 -9.66
CA LYS B 76 22.74 19.48 -8.89
C LYS B 76 21.72 18.56 -9.58
N ASN B 77 21.12 19.07 -10.64
CA ASN B 77 20.14 18.31 -11.42
C ASN B 77 18.92 17.97 -10.58
N GLN B 78 18.42 18.96 -9.86
CA GLN B 78 17.25 18.76 -9.02
C GLN B 78 16.22 19.85 -9.28
N PHE B 79 14.95 19.53 -9.09
CA PHE B 79 13.94 20.57 -9.19
C PHE B 79 13.10 20.50 -7.91
N PHE B 80 12.52 21.62 -7.53
CA PHE B 80 11.78 21.70 -6.27
C PHE B 80 10.36 22.19 -6.36
N LEU B 81 9.59 21.89 -5.32
CA LEU B 81 8.20 22.32 -5.21
C LEU B 81 8.03 22.92 -3.82
N GLN B 82 7.45 24.12 -3.77
CA GLN B 82 7.18 24.74 -2.50
C GLN B 82 5.69 25.05 -2.51
N LEU B 83 4.98 24.58 -1.48
CA LEU B 83 3.54 24.80 -1.36
C LEU B 83 3.31 25.53 -0.04
N ASN B 84 2.86 26.78 -0.12
CA ASN B 84 2.65 27.55 1.11
C ASN B 84 1.31 27.35 1.79
N SER B 85 1.24 27.72 3.06
CA SER B 85 0.02 27.64 3.86
C SER B 85 -0.72 26.31 3.74
N VAL B 86 -0.03 25.20 4.03
CA VAL B 86 -0.69 23.91 3.91
C VAL B 86 -1.75 23.66 4.96
N THR B 87 -2.76 22.89 4.58
CA THR B 87 -3.85 22.55 5.48
C THR B 87 -3.92 21.03 5.49
N THR B 88 -4.77 20.46 6.33
CA THR B 88 -4.90 19.01 6.41
C THR B 88 -5.29 18.40 5.08
N ASP B 89 -5.91 19.21 4.23
CA ASP B 89 -6.35 18.75 2.92
C ASP B 89 -5.19 18.51 1.96
N ASP B 90 -3.99 18.95 2.33
CA ASP B 90 -2.83 18.76 1.47
C ASP B 90 -2.10 17.46 1.79
N THR B 91 -2.66 16.67 2.70
CA THR B 91 -2.07 15.38 3.04
C THR B 91 -2.20 14.54 1.76
N ALA B 92 -1.07 14.00 1.30
CA ALA B 92 -1.07 13.20 0.06
C ALA B 92 0.29 12.60 -0.22
N THR B 93 0.35 11.76 -1.25
CA THR B 93 1.60 11.17 -1.70
C THR B 93 2.01 12.08 -2.84
N TYR B 94 3.21 12.63 -2.77
CA TYR B 94 3.71 13.53 -3.80
C TYR B 94 4.70 12.84 -4.73
N TYR B 95 4.50 12.99 -6.03
CA TYR B 95 5.37 12.37 -7.03
C TYR B 95 5.95 13.36 -8.01
N CYS B 96 7.20 13.14 -8.41
CA CYS B 96 7.75 13.95 -9.48
C CYS B 96 7.75 12.99 -10.68
N ALA B 97 7.57 13.54 -11.87
CA ALA B 97 7.51 12.71 -13.07
C ALA B 97 8.01 13.47 -14.27
N ARG B 98 8.39 12.75 -15.32
CA ARG B 98 8.83 13.42 -16.52
C ARG B 98 7.79 13.20 -17.61
N GLY B 99 7.40 14.26 -18.30
CA GLY B 99 6.42 14.07 -19.36
C GLY B 99 5.71 15.31 -19.85
N GLY B 100 5.04 15.17 -21.00
CA GLY B 100 4.30 16.28 -21.59
C GLY B 100 2.81 15.97 -21.62
N THR B 101 2.41 15.10 -22.54
CA THR B 101 1.00 14.72 -22.67
C THR B 101 0.75 13.36 -22.00
N GLY B 102 1.85 12.70 -21.62
CA GLY B 102 1.79 11.42 -20.94
C GLY B 102 2.98 11.37 -19.99
N PHE B 103 2.92 10.53 -18.97
CA PHE B 103 4.03 10.47 -18.02
C PHE B 103 4.63 9.08 -17.97
N PRO B 104 5.70 8.85 -18.74
CA PRO B 104 6.36 7.54 -18.75
C PRO B 104 7.27 7.24 -17.57
N TYR B 105 7.76 8.27 -16.90
CA TYR B 105 8.65 8.06 -15.76
C TYR B 105 8.16 8.76 -14.50
N TRP B 106 8.04 8.00 -13.42
CA TRP B 106 7.59 8.51 -12.12
C TRP B 106 8.61 8.18 -11.05
N GLY B 107 8.65 8.98 -9.99
CA GLY B 107 9.54 8.68 -8.89
C GLY B 107 8.81 7.64 -8.06
N THR B 108 9.32 7.32 -6.88
CA THR B 108 8.65 6.33 -6.03
C THR B 108 7.55 6.96 -5.18
N GLY B 109 7.60 8.28 -5.06
CA GLY B 109 6.61 8.99 -4.26
C GLY B 109 6.99 9.13 -2.79
N THR B 110 6.61 10.25 -2.20
CA THR B 110 6.89 10.49 -0.79
C THR B 110 5.59 10.94 -0.12
N ASN B 111 5.24 10.27 0.97
CA ASN B 111 4.02 10.56 1.71
C ASN B 111 4.21 11.74 2.65
N VAL B 112 3.32 12.72 2.56
CA VAL B 112 3.38 13.90 3.43
C VAL B 112 2.09 13.99 4.22
N THR B 113 2.19 14.03 5.54
CA THR B 113 1.02 14.14 6.38
C THR B 113 1.00 15.54 7.00
N VAL B 114 -0.12 16.26 6.89
CA VAL B 114 -0.17 17.59 7.49
C VAL B 114 -0.94 17.41 8.79
N SER B 115 -0.24 17.56 9.92
CA SER B 115 -0.87 17.37 11.22
C SER B 115 -0.14 18.10 12.33
N ALA B 116 -0.85 18.37 13.42
CA ALA B 116 -0.28 19.05 14.57
C ALA B 116 0.34 18.06 15.56
N ALA B 117 -0.01 16.78 15.43
CA ALA B 117 0.52 15.76 16.32
C ALA B 117 2.03 15.62 16.15
N SER B 118 2.68 14.94 17.09
CA SER B 118 4.13 14.76 17.02
C SER B 118 4.49 13.36 16.56
N THR B 119 5.72 13.19 16.08
CA THR B 119 6.16 11.88 15.63
C THR B 119 6.29 10.95 16.83
N THR B 120 5.91 9.69 16.62
CA THR B 120 6.00 8.67 17.64
C THR B 120 6.54 7.42 17.00
N ALA B 121 7.66 6.92 17.50
CA ALA B 121 8.27 5.70 16.92
C ALA B 121 7.41 4.44 17.23
N PRO B 122 7.65 3.38 16.42
CA PRO B 122 7.05 2.02 16.58
C PRO B 122 7.47 1.23 17.74
N SER B 123 6.66 0.31 18.17
CA SER B 123 7.17 -0.66 19.11
C SER B 123 7.06 -1.93 18.27
N VAL B 124 8.08 -2.72 18.25
CA VAL B 124 8.03 -3.91 17.42
C VAL B 124 8.10 -5.14 18.31
N PHE B 125 7.13 -6.02 18.17
CA PHE B 125 7.09 -7.23 18.97
C PHE B 125 7.06 -8.47 18.09
N PRO B 126 7.80 -9.50 18.47
CA PRO B 126 7.82 -10.71 17.65
C PRO B 126 6.54 -11.55 17.80
N LEU B 127 6.18 -12.24 16.72
CA LEU B 127 5.03 -13.12 16.71
C LEU B 127 5.59 -14.53 16.48
N VAL B 128 5.61 -15.33 17.55
CA VAL B 128 6.14 -16.69 17.51
C VAL B 128 5.03 -17.68 17.84
N PRO B 129 4.91 -18.76 17.05
CA PRO B 129 3.88 -19.79 17.26
C PRO B 129 3.86 -20.35 18.68
N GLY B 130 2.65 -20.59 19.20
CA GLY B 130 2.53 -21.12 20.55
C GLY B 130 3.15 -22.49 20.73
N SER B 131 4.01 -22.88 19.81
CA SER B 131 4.69 -24.18 19.87
C SER B 131 3.73 -25.36 19.67
N ALA B 132 2.48 -25.17 20.10
CA ALA B 132 1.47 -26.21 19.97
C ALA B 132 1.05 -26.40 18.52
N THR B 133 1.98 -26.12 17.61
CA THR B 133 1.72 -26.25 16.18
C THR B 133 2.45 -27.45 15.60
N ALA B 134 1.76 -28.59 15.56
CA ALA B 134 2.34 -29.82 15.03
C ALA B 134 1.95 -30.00 13.56
N ALA B 135 2.29 -29.00 12.75
CA ALA B 135 1.97 -29.04 11.33
C ALA B 135 3.22 -29.22 10.48
N ALA B 136 4.39 -29.16 11.12
CA ALA B 136 5.67 -29.33 10.44
C ALA B 136 5.73 -28.49 9.16
N SER B 137 5.66 -29.17 8.02
CA SER B 137 5.71 -28.54 6.70
C SER B 137 5.93 -27.03 6.67
N ALA B 138 4.92 -26.26 7.08
CA ALA B 138 5.02 -24.81 7.07
C ALA B 138 4.92 -24.16 8.46
N VAL B 139 5.67 -23.08 8.64
CA VAL B 139 5.69 -22.33 9.90
C VAL B 139 5.49 -20.86 9.57
N THR B 140 4.64 -20.18 10.34
CA THR B 140 4.38 -18.76 10.11
C THR B 140 4.89 -17.92 11.27
N LEU B 141 5.82 -17.01 10.97
CA LEU B 141 6.43 -16.11 11.95
C LEU B 141 5.98 -14.69 11.63
N GLY B 142 6.21 -13.76 12.54
CA GLY B 142 5.78 -12.40 12.25
C GLY B 142 6.29 -11.31 13.18
N CYS B 143 5.99 -10.07 12.80
CA CYS B 143 6.37 -8.92 13.60
C CYS B 143 5.17 -7.99 13.68
N LEU B 144 4.88 -7.57 14.90
CA LEU B 144 3.77 -6.66 15.16
C LEU B 144 4.37 -5.27 15.36
N VAL B 145 3.95 -4.32 14.53
CA VAL B 145 4.45 -2.95 14.63
C VAL B 145 3.31 -2.05 15.09
N LYS B 146 3.40 -1.50 16.30
CA LYS B 146 2.31 -0.66 16.78
C LYS B 146 2.64 0.64 17.49
N GLY B 147 1.63 1.52 17.54
CA GLY B 147 1.76 2.81 18.21
C GLY B 147 2.61 3.85 17.51
N TYR B 148 2.64 3.84 16.18
CA TYR B 148 3.46 4.82 15.48
C TYR B 148 2.65 5.88 14.75
N PHE B 149 3.29 7.01 14.49
CA PHE B 149 2.68 8.13 13.77
C PHE B 149 3.81 9.07 13.30
N PRO B 150 3.75 9.51 12.04
CA PRO B 150 2.73 9.20 11.02
C PRO B 150 3.19 8.03 10.16
N GLU B 151 2.40 7.71 9.15
CA GLU B 151 2.74 6.65 8.20
C GLU B 151 3.88 7.23 7.37
N PRO B 152 4.67 6.38 6.71
CA PRO B 152 4.52 4.93 6.72
C PRO B 152 5.67 4.24 7.47
N VAL B 153 5.62 2.91 7.50
CA VAL B 153 6.68 2.12 8.11
C VAL B 153 7.07 1.10 7.04
N THR B 154 8.34 0.74 7.00
CA THR B 154 8.82 -0.23 6.05
C THR B 154 9.20 -1.48 6.80
N VAL B 155 8.73 -2.62 6.34
CA VAL B 155 9.04 -3.89 6.98
C VAL B 155 9.63 -4.84 5.94
N ALA B 156 10.83 -5.33 6.22
CA ALA B 156 11.50 -6.26 5.32
C ALA B 156 11.91 -7.49 6.13
N TRP B 157 12.11 -8.61 5.46
CA TRP B 157 12.52 -9.83 6.15
C TRP B 157 13.89 -10.31 5.70
N ASN B 158 14.77 -10.53 6.67
CA ASN B 158 16.12 -10.99 6.38
C ASN B 158 16.79 -10.02 5.43
N GLU B 159 16.76 -8.75 5.79
CA GLU B 159 17.43 -7.77 4.99
C GLU B 159 16.80 -7.62 3.59
N GLY B 160 15.78 -8.44 3.32
CA GLY B 160 15.13 -8.37 2.03
C GLY B 160 15.31 -9.66 1.24
N ALA B 161 16.14 -10.55 1.78
CA ALA B 161 16.41 -11.84 1.15
C ALA B 161 15.15 -12.71 1.12
N LEU B 162 14.35 -12.61 2.16
CA LEU B 162 13.12 -13.39 2.27
C LEU B 162 11.98 -12.51 1.77
N SER B 163 11.54 -12.76 0.53
CA SER B 163 10.46 -11.97 -0.06
C SER B 163 9.26 -12.82 -0.48
N SER B 164 9.42 -14.14 -0.45
CA SER B 164 8.33 -15.02 -0.83
C SER B 164 7.53 -15.43 0.40
N GLY B 165 6.20 -15.47 0.26
CA GLY B 165 5.35 -15.86 1.37
C GLY B 165 5.13 -14.76 2.39
N VAL B 166 5.50 -13.53 2.06
CA VAL B 166 5.33 -12.39 2.96
C VAL B 166 3.95 -11.75 2.80
N LEU B 167 3.23 -11.62 3.92
CA LEU B 167 1.92 -11.00 3.92
C LEU B 167 1.88 -9.84 4.91
N THR B 168 1.73 -8.62 4.42
CA THR B 168 1.68 -7.46 5.29
C THR B 168 0.29 -6.83 5.23
N VAL B 169 -0.46 -6.90 6.32
CA VAL B 169 -1.81 -6.32 6.31
C VAL B 169 -1.75 -4.79 6.28
N SER B 170 -2.84 -4.16 5.87
CA SER B 170 -2.85 -2.70 5.78
C SER B 170 -2.85 -2.10 7.18
N ALA B 171 -2.33 -0.89 7.29
CA ALA B 171 -2.28 -0.19 8.57
C ALA B 171 -3.69 0.16 9.01
N VAL B 172 -3.88 0.30 10.32
CA VAL B 172 -5.17 0.66 10.88
C VAL B 172 -4.93 1.80 11.85
N LEU B 173 -5.84 2.76 11.86
CA LEU B 173 -5.72 3.91 12.75
C LEU B 173 -6.70 3.76 13.90
N GLN B 174 -6.18 3.87 15.11
CA GLN B 174 -7.03 3.76 16.29
C GLN B 174 -6.65 4.88 17.24
N SER B 175 -7.64 5.73 17.55
CA SER B 175 -7.46 6.88 18.43
C SER B 175 -6.59 7.93 17.73
N GLY B 176 -5.32 7.58 17.50
CA GLY B 176 -4.43 8.51 16.84
C GLY B 176 -3.09 7.89 16.49
N LEU B 177 -3.01 6.56 16.56
CA LEU B 177 -1.77 5.86 16.27
C LEU B 177 -2.04 4.67 15.35
N TYR B 178 -1.06 4.35 14.52
CA TYR B 178 -1.19 3.23 13.59
C TYR B 178 -0.62 1.92 14.10
N THR B 179 -1.15 0.82 13.57
CA THR B 179 -0.68 -0.51 13.91
C THR B 179 -0.70 -1.32 12.63
N LEU B 180 0.25 -2.25 12.51
CA LEU B 180 0.33 -3.08 11.33
C LEU B 180 1.04 -4.37 11.70
N SER B 181 0.76 -5.44 10.98
CA SER B 181 1.44 -6.70 11.24
C SER B 181 1.95 -7.28 9.93
N SER B 182 3.13 -7.88 9.98
CA SER B 182 3.72 -8.50 8.81
C SER B 182 4.02 -9.94 9.16
N ASN B 183 3.61 -10.87 8.30
CA ASN B 183 3.81 -12.29 8.55
C ASN B 183 4.52 -12.97 7.38
N THR B 184 5.34 -13.96 7.70
CA THR B 184 6.05 -14.70 6.66
C THR B 184 5.93 -16.20 6.95
N THR B 185 5.69 -16.97 5.90
CA THR B 185 5.57 -18.42 6.02
C THR B 185 6.77 -19.07 5.36
N VAL B 186 7.55 -19.81 6.15
CA VAL B 186 8.74 -20.47 5.62
C VAL B 186 8.70 -21.97 5.83
N ALA B 187 9.51 -22.70 5.04
CA ALA B 187 9.58 -24.14 5.15
C ALA B 187 9.99 -24.47 6.58
N SER B 188 9.33 -25.45 7.19
CA SER B 188 9.62 -25.84 8.56
C SER B 188 11.07 -26.23 8.82
N GLY B 189 11.77 -26.64 7.76
CA GLY B 189 13.16 -27.04 7.91
C GLY B 189 14.10 -25.88 7.66
N THR B 190 13.62 -24.66 7.85
CA THR B 190 14.44 -23.47 7.62
C THR B 190 14.54 -22.53 8.82
N TRP B 191 13.45 -22.39 9.59
CA TRP B 191 13.47 -21.49 10.72
C TRP B 191 14.23 -22.01 11.94
N PRO B 192 13.79 -23.13 12.52
CA PRO B 192 14.51 -23.65 13.70
C PRO B 192 16.02 -23.70 13.47
N SER B 193 16.42 -23.85 12.21
CA SER B 193 17.83 -23.93 11.86
C SER B 193 18.45 -22.59 11.47
N ALA B 194 17.76 -21.80 10.66
CA ALA B 194 18.26 -20.51 10.22
C ALA B 194 17.58 -19.34 10.94
N SER B 195 18.30 -18.24 11.08
CA SER B 195 17.77 -17.06 11.75
C SER B 195 16.86 -16.25 10.82
N VAL B 196 15.74 -15.80 11.39
CA VAL B 196 14.77 -14.99 10.66
C VAL B 196 14.63 -13.69 11.42
N THR B 197 14.79 -12.56 10.74
CA THR B 197 14.68 -11.27 11.39
C THR B 197 13.85 -10.30 10.57
N CYS B 198 13.11 -9.41 11.22
CA CYS B 198 12.32 -8.43 10.49
C CYS B 198 12.98 -7.07 10.67
N LEU B 199 13.07 -6.33 9.58
CA LEU B 199 13.67 -5.00 9.58
C LEU B 199 12.54 -3.99 9.50
N VAL B 200 12.45 -3.12 10.49
CA VAL B 200 11.39 -2.12 10.50
C VAL B 200 11.97 -0.71 10.52
N ALA B 201 11.52 0.10 9.57
CA ALA B 201 12.01 1.47 9.48
C ALA B 201 10.85 2.47 9.53
N HIS B 202 11.03 3.53 10.30
CA HIS B 202 10.02 4.58 10.41
C HIS B 202 10.72 5.91 10.13
N PRO B 203 10.79 6.29 8.84
CA PRO B 203 11.41 7.52 8.33
C PRO B 203 11.16 8.77 9.17
N LYS B 204 9.90 9.08 9.41
CA LYS B 204 9.51 10.27 10.18
C LYS B 204 10.31 10.45 11.46
N SER B 205 10.54 9.35 12.18
CA SER B 205 11.29 9.42 13.43
C SER B 205 12.73 8.95 13.27
N SER B 206 13.15 8.73 12.03
CA SER B 206 14.51 8.27 11.76
C SER B 206 14.81 7.04 12.62
N THR B 207 13.84 6.15 12.74
CA THR B 207 14.00 4.94 13.53
C THR B 207 14.19 3.71 12.67
N ALA B 208 15.16 2.88 13.04
CA ALA B 208 15.44 1.65 12.32
C ALA B 208 15.58 0.56 13.37
N ALA B 209 14.66 -0.39 13.38
CA ALA B 209 14.69 -1.47 14.37
C ALA B 209 14.96 -2.83 13.73
N ASP B 210 15.61 -3.70 14.50
CA ASP B 210 15.93 -5.03 14.05
C ASP B 210 15.39 -5.99 15.11
N LYS B 211 14.65 -7.00 14.68
CA LYS B 211 14.07 -7.95 15.63
C LYS B 211 14.31 -9.39 15.21
N LYS B 212 14.99 -10.15 16.07
CA LYS B 212 15.26 -11.56 15.77
C LYS B 212 14.07 -12.36 16.29
N ILE B 213 13.64 -13.36 15.52
CA ILE B 213 12.51 -14.18 15.95
C ILE B 213 13.08 -15.45 16.59
N GLU B 214 13.07 -15.49 17.91
CA GLU B 214 13.61 -16.64 18.64
C GLU B 214 12.54 -17.72 18.90
N PRO B 215 12.91 -19.00 18.74
CA PRO B 215 12.05 -20.17 18.94
C PRO B 215 11.31 -20.19 20.27
N LYS B 216 10.13 -20.81 20.27
CA LYS B 216 9.28 -20.90 21.46
C LYS B 216 9.69 -22.05 22.39
N ASP B 217 10.15 -21.69 23.58
CA ASP B 217 10.58 -22.66 24.59
C ASP B 217 10.75 -22.01 25.96
#